data_6M89
#
_entry.id   6M89
#
_cell.length_a   77.956
_cell.length_b   77.956
_cell.length_c   84.468
_cell.angle_alpha   90.00
_cell.angle_beta   90.00
_cell.angle_gamma   90.00
#
_symmetry.space_group_name_H-M   'P 42 21 2'
#
loop_
_entity.id
_entity.type
_entity.pdbx_description
1 polymer 'Inositol polyphosphate multikinase,Inositol polyphosphate multikinase'
2 non-polymer "3,5,7,3',4'-PENTAHYDROXYFLAVONE"
3 water water
#
_entity_poly.entity_id   1
_entity_poly.type   'polypeptide(L)'
_entity_poly.pdbx_seq_one_letter_code
;GSFTSHQVAGHMYGKDKVGILQHPDGTVLKQLQPPPRGPRELEFYNMVYAADCFDGVLLELRKYLPKYYGIWSPPTAPND
LYLKLEDVTHKFNKPCIMDVKIGQKSYDPFASSEKIQQQVSKYPLMEEIGFLVLGMRVYHVHSDSYETENQHYGRSLTKE
TIKDGVSRFFHNGYCLRKDAVAASIQKIEKILQWFENQKQLNFYASSLLFVYEGSSQGGSGGEVEVRMIDFAHVFPSNTI
DEGYVYGLKHLISVLRSILDN
;
_entity_poly.pdbx_strand_id   A
#
# COMPACT_ATOMS: atom_id res chain seq x y z
N ILE A 20 0.04 -9.82 -10.18
CA ILE A 20 1.49 -9.81 -9.79
C ILE A 20 2.10 -11.17 -10.08
N LEU A 21 3.24 -11.16 -10.80
CA LEU A 21 3.96 -12.38 -11.18
C LEU A 21 5.31 -12.38 -10.48
N GLN A 22 5.77 -13.53 -10.01
CA GLN A 22 7.03 -13.62 -9.24
C GLN A 22 8.23 -14.08 -10.10
N HIS A 23 8.82 -13.12 -10.82
CA HIS A 23 10.02 -13.30 -11.69
C HIS A 23 11.18 -14.03 -10.99
N PRO A 24 12.01 -14.80 -11.74
CA PRO A 24 13.02 -15.61 -11.06
C PRO A 24 14.26 -14.81 -10.58
N ASP A 25 14.09 -14.04 -9.50
CA ASP A 25 15.17 -13.19 -8.98
C ASP A 25 14.97 -12.62 -7.55
N GLY A 26 13.89 -12.97 -6.86
CA GLY A 26 13.40 -12.15 -5.73
C GLY A 26 12.77 -10.85 -6.22
N THR A 27 12.19 -10.88 -7.42
CA THR A 27 11.48 -9.72 -7.96
C THR A 27 10.11 -10.16 -8.40
N VAL A 28 9.27 -9.16 -8.66
CA VAL A 28 7.96 -9.39 -9.19
C VAL A 28 7.80 -8.56 -10.46
N LEU A 29 6.86 -8.99 -11.29
CA LEU A 29 6.45 -8.25 -12.49
C LEU A 29 5.01 -7.84 -12.24
N LYS A 30 4.78 -6.53 -12.31
CA LYS A 30 3.43 -5.97 -12.25
C LYS A 30 3.04 -5.52 -13.65
N GLN A 31 2.02 -6.16 -14.20
CA GLN A 31 1.53 -5.83 -15.53
C GLN A 31 0.90 -4.45 -15.50
N LEU A 32 1.24 -3.62 -16.48
CA LEU A 32 0.65 -2.29 -16.59
C LEU A 32 -0.86 -2.44 -16.71
N GLN A 33 -1.59 -1.67 -15.91
CA GLN A 33 -3.05 -1.58 -16.05
C GLN A 33 -3.38 -0.98 -17.42
N PRO A 34 -4.62 -1.12 -17.88
CA PRO A 34 -4.97 -0.51 -19.17
C PRO A 34 -4.80 1.03 -19.12
N PRO A 35 -4.65 1.68 -20.29
CA PRO A 35 -4.49 3.13 -20.30
C PRO A 35 -5.77 3.83 -19.83
N PRO A 36 -5.67 4.99 -19.19
CA PRO A 36 -4.43 5.71 -18.92
C PRO A 36 -3.66 5.26 -17.67
N ARG A 37 -4.17 4.27 -16.93
CA ARG A 37 -3.65 3.95 -15.60
C ARG A 37 -2.23 3.36 -15.62
N GLY A 38 -2.02 2.30 -16.40
CA GLY A 38 -0.69 1.69 -16.54
C GLY A 38 0.41 2.64 -16.97
N PRO A 39 0.19 3.38 -18.09
CA PRO A 39 1.14 4.41 -18.54
C PRO A 39 1.47 5.44 -17.47
N ARG A 40 0.48 5.86 -16.69
CA ARG A 40 0.72 6.81 -15.60
C ARG A 40 1.58 6.18 -14.50
N GLU A 41 1.38 4.90 -14.19
CA GLU A 41 2.18 4.23 -13.18
C GLU A 41 3.63 4.06 -13.65
N LEU A 42 3.80 3.69 -14.92
CA LEU A 42 5.13 3.65 -15.54
C LEU A 42 5.87 4.99 -15.42
N GLU A 43 5.17 6.05 -15.78
CA GLU A 43 5.68 7.42 -15.72
C GLU A 43 6.13 7.80 -14.29
N PHE A 44 5.33 7.42 -13.31
CA PHE A 44 5.66 7.70 -11.91
C PHE A 44 6.97 7.04 -11.48
N TYR A 45 7.05 5.73 -11.70
CA TYR A 45 8.28 5.00 -11.35
C TYR A 45 9.50 5.60 -12.10
N ASN A 46 9.31 5.96 -13.38
CA ASN A 46 10.38 6.57 -14.18
C ASN A 46 10.87 7.91 -13.64
N MET A 47 9.93 8.74 -13.17
CA MET A 47 10.23 10.04 -12.56
C MET A 47 11.02 9.86 -11.26
N VAL A 48 10.53 8.98 -10.39
CA VAL A 48 11.10 8.80 -9.07
C VAL A 48 12.50 8.21 -9.13
N TYR A 49 12.70 7.25 -10.03
CA TYR A 49 13.93 6.49 -10.12
C TYR A 49 14.82 6.97 -11.27
N ALA A 50 14.58 8.19 -11.77
CA ALA A 50 15.40 8.74 -12.86
C ALA A 50 16.84 8.81 -12.38
N ALA A 51 17.74 8.22 -13.17
CA ALA A 51 19.18 8.18 -12.84
C ALA A 51 19.78 9.55 -12.55
N ASP A 52 19.34 10.57 -13.28
CA ASP A 52 19.79 11.96 -13.09
C ASP A 52 19.01 12.74 -12.03
N CYS A 53 18.15 12.09 -11.25
CA CYS A 53 17.36 12.77 -10.22
C CYS A 53 18.21 13.07 -9.00
N PHE A 54 18.24 14.34 -8.60
CA PHE A 54 18.84 14.77 -7.34
C PHE A 54 17.86 15.62 -6.50
N ASP A 55 16.55 15.45 -6.75
CA ASP A 55 15.52 16.04 -5.91
C ASP A 55 15.50 15.23 -4.62
N GLY A 56 15.85 15.87 -3.50
CA GLY A 56 15.86 15.22 -2.18
C GLY A 56 14.55 14.55 -1.79
N VAL A 57 13.44 15.17 -2.15
CA VAL A 57 12.10 14.61 -1.89
C VAL A 57 11.95 13.25 -2.58
N LEU A 58 12.33 13.18 -3.85
CA LEU A 58 12.19 11.96 -4.63
C LEU A 58 13.21 10.90 -4.26
N LEU A 59 14.44 11.33 -3.92
CA LEU A 59 15.45 10.40 -3.41
C LEU A 59 15.02 9.76 -2.08
N GLU A 60 14.45 10.55 -1.17
CA GLU A 60 13.89 9.97 0.07
C GLU A 60 12.72 9.02 -0.21
N LEU A 61 11.84 9.38 -1.14
CA LEU A 61 10.68 8.55 -1.50
C LEU A 61 11.08 7.12 -1.90
N ARG A 62 12.21 6.98 -2.59
CA ARG A 62 12.69 5.67 -3.03
C ARG A 62 12.79 4.64 -1.90
N LYS A 63 13.11 5.12 -0.69
CA LYS A 63 13.24 4.25 0.47
C LYS A 63 11.93 3.49 0.78
N TYR A 64 10.80 4.11 0.47
CA TYR A 64 9.46 3.59 0.84
C TYR A 64 8.74 2.85 -0.28
N LEU A 65 9.33 2.83 -1.48
CA LEU A 65 8.77 2.10 -2.62
C LEU A 65 9.50 0.78 -2.81
N PRO A 66 8.90 -0.18 -3.54
CA PRO A 66 9.73 -1.27 -4.01
C PRO A 66 10.82 -0.69 -4.91
N LYS A 67 12.02 -1.27 -4.84
CA LYS A 67 13.06 -0.90 -5.78
C LYS A 67 12.55 -1.20 -7.19
N TYR A 68 12.86 -0.29 -8.11
CA TYR A 68 12.37 -0.31 -9.47
C TYR A 68 13.53 -0.67 -10.39
N TYR A 69 13.32 -1.67 -11.25
CA TYR A 69 14.36 -2.17 -12.16
C TYR A 69 14.03 -1.84 -13.62
N GLY A 70 13.05 -0.97 -13.83
CA GLY A 70 12.66 -0.55 -15.16
C GLY A 70 11.49 -1.33 -15.74
N ILE A 71 11.01 -0.82 -16.86
CA ILE A 71 10.06 -1.52 -17.69
C ILE A 71 10.63 -2.87 -18.18
N TRP A 72 9.75 -3.86 -18.23
CA TRP A 72 10.10 -5.19 -18.70
C TRP A 72 8.99 -5.72 -19.61
N SER A 73 9.40 -6.45 -20.65
CA SER A 73 8.48 -7.14 -21.56
C SER A 73 9.05 -8.51 -21.90
N PRO A 74 8.18 -9.53 -22.13
CA PRO A 74 8.73 -10.81 -22.57
C PRO A 74 9.52 -10.65 -23.89
N PRO A 75 10.62 -11.42 -24.07
CA PRO A 75 11.51 -11.39 -25.24
C PRO A 75 10.78 -11.35 -26.60
N THR A 76 9.70 -12.12 -26.71
CA THR A 76 8.92 -12.24 -27.94
C THR A 76 7.62 -11.42 -27.92
N ALA A 77 7.45 -10.50 -26.97
CA ALA A 77 6.17 -9.80 -26.78
C ALA A 77 6.36 -8.38 -26.26
N PRO A 78 6.96 -7.49 -27.10
CA PRO A 78 7.18 -6.09 -26.71
C PRO A 78 5.89 -5.29 -26.41
N ASN A 79 4.76 -5.78 -26.89
CA ASN A 79 3.43 -5.26 -26.54
C ASN A 79 3.05 -5.41 -25.06
N ASP A 80 3.56 -6.46 -24.42
CA ASP A 80 3.11 -6.87 -23.07
C ASP A 80 3.99 -6.19 -22.00
N LEU A 81 3.50 -5.08 -21.46
CA LEU A 81 4.30 -4.19 -20.60
C LEU A 81 4.16 -4.48 -19.10
N TYR A 82 5.30 -4.65 -18.43
CA TYR A 82 5.37 -4.81 -16.98
C TYR A 82 6.33 -3.83 -16.34
N LEU A 83 6.17 -3.67 -15.03
CA LEU A 83 7.13 -3.01 -14.20
C LEU A 83 7.84 -4.12 -13.49
N LYS A 84 9.18 -4.08 -13.49
CA LYS A 84 10.00 -5.02 -12.74
C LYS A 84 10.29 -4.37 -11.41
N LEU A 85 9.80 -4.98 -10.34
CA LEU A 85 9.85 -4.41 -9.00
C LEU A 85 10.43 -5.41 -8.00
N GLU A 86 11.08 -4.87 -6.98
CA GLU A 86 11.47 -5.66 -5.81
C GLU A 86 10.30 -6.47 -5.25
N ASP A 87 10.55 -7.74 -4.95
CA ASP A 87 9.60 -8.53 -4.20
C ASP A 87 9.76 -8.21 -2.72
N VAL A 88 8.84 -7.40 -2.21
CA VAL A 88 8.94 -6.91 -0.82
C VAL A 88 8.75 -8.00 0.24
N THR A 89 8.27 -9.18 -0.16
CA THR A 89 8.13 -10.34 0.71
C THR A 89 9.31 -11.30 0.69
N HIS A 90 10.34 -11.03 -0.12
CA HIS A 90 11.43 -11.98 -0.37
C HIS A 90 12.19 -12.44 0.88
N LYS A 91 12.45 -11.53 1.81
CA LYS A 91 13.21 -11.86 3.02
C LYS A 91 12.40 -12.65 4.08
N PHE A 92 11.11 -12.88 3.82
CA PHE A 92 10.24 -13.58 4.78
C PHE A 92 10.07 -15.05 4.45
N ASN A 93 9.91 -15.86 5.50
CA ASN A 93 9.69 -17.28 5.36
C ASN A 93 8.20 -17.58 5.14
N LYS A 94 7.37 -17.12 6.07
CA LYS A 94 5.93 -17.23 5.99
C LYS A 94 5.36 -15.81 6.07
N PRO A 95 5.46 -15.06 4.97
CA PRO A 95 5.00 -13.68 5.07
C PRO A 95 3.49 -13.56 5.32
N CYS A 96 3.12 -12.68 6.26
CA CYS A 96 1.76 -12.24 6.43
C CYS A 96 1.70 -10.88 5.76
N ILE A 97 0.74 -10.72 4.86
CA ILE A 97 0.69 -9.57 3.98
C ILE A 97 -0.69 -8.91 4.05
N MET A 98 -0.70 -7.58 4.23
CA MET A 98 -1.92 -6.79 4.15
C MET A 98 -1.70 -5.61 3.21
N ASP A 99 -2.70 -5.37 2.36
CA ASP A 99 -2.69 -4.27 1.41
C ASP A 99 -3.76 -3.28 1.88
N VAL A 100 -3.36 -2.04 2.16
CA VAL A 100 -4.28 -1.01 2.63
C VAL A 100 -4.23 0.20 1.71
N LYS A 101 -5.37 0.51 1.08
CA LYS A 101 -5.52 1.72 0.29
C LYS A 101 -5.65 2.92 1.22
N ILE A 102 -4.93 4.00 0.89
CA ILE A 102 -4.81 5.18 1.77
C ILE A 102 -5.43 6.40 1.11
N GLY A 103 -6.15 7.21 1.90
CA GLY A 103 -6.65 8.50 1.44
C GLY A 103 -8.14 8.64 1.66
N GLN A 104 -8.63 9.87 1.53
CA GLN A 104 -10.07 10.17 1.63
C GLN A 104 -10.84 10.01 0.34
N LYS A 105 -10.14 10.18 -0.77
CA LYS A 105 -10.70 10.05 -2.09
C LYS A 105 -9.86 9.04 -2.88
N SER A 106 -10.55 8.06 -3.49
CA SER A 106 -9.91 7.10 -4.38
C SER A 106 -10.08 7.47 -5.85
N TYR A 107 -10.75 8.58 -6.11
CA TYR A 107 -10.85 9.18 -7.45
C TYR A 107 -9.86 10.34 -7.50
N ASP A 108 -9.42 10.67 -8.71
CA ASP A 108 -8.36 11.66 -8.90
C ASP A 108 -8.94 13.03 -9.31
N PRO A 109 -8.08 14.08 -9.38
CA PRO A 109 -8.61 15.42 -9.63
C PRO A 109 -9.28 15.66 -10.99
N PHE A 110 -9.17 14.71 -11.92
CA PHE A 110 -9.78 14.86 -13.25
C PHE A 110 -10.86 13.81 -13.53
N ALA A 111 -11.37 13.19 -12.47
CA ALA A 111 -12.45 12.21 -12.57
C ALA A 111 -13.75 12.90 -12.96
N SER A 112 -14.49 12.28 -13.88
CA SER A 112 -15.84 12.72 -14.23
C SER A 112 -16.81 12.42 -13.08
N SER A 113 -18.00 13.00 -13.15
CA SER A 113 -19.04 12.75 -12.16
C SER A 113 -19.34 11.26 -12.02
N GLU A 114 -19.44 10.56 -13.14
CA GLU A 114 -19.66 9.10 -13.14
C GLU A 114 -18.53 8.36 -12.45
N LYS A 115 -17.29 8.74 -12.74
CA LYS A 115 -16.11 8.12 -12.15
C LYS A 115 -16.02 8.36 -10.64
N ILE A 116 -16.29 9.60 -10.20
CA ILE A 116 -16.34 9.93 -8.78
C ILE A 116 -17.35 9.02 -8.06
N GLN A 117 -18.54 8.90 -8.64
CA GLN A 117 -19.58 8.07 -8.11
C GLN A 117 -19.21 6.58 -8.09
N GLN A 118 -18.58 6.13 -9.18
CA GLN A 118 -18.06 4.76 -9.27
C GLN A 118 -17.08 4.46 -8.13
N GLN A 119 -16.16 5.39 -7.89
CA GLN A 119 -15.11 5.20 -6.88
C GLN A 119 -15.65 5.31 -5.47
N VAL A 120 -16.47 6.33 -5.21
CA VAL A 120 -17.05 6.50 -3.88
C VAL A 120 -17.98 5.32 -3.55
N SER A 121 -18.75 4.84 -4.54
CA SER A 121 -19.65 3.68 -4.31
C SER A 121 -18.91 2.37 -4.03
N LYS A 122 -17.67 2.21 -4.50
CA LYS A 122 -16.86 1.04 -4.14
C LYS A 122 -16.70 0.93 -2.61
N TYR A 123 -16.53 2.07 -1.95
CA TYR A 123 -16.43 2.14 -0.51
C TYR A 123 -16.77 3.55 -0.04
N PRO A 124 -18.03 3.80 0.29
CA PRO A 124 -18.47 5.17 0.61
C PRO A 124 -17.98 5.73 1.95
N LEU A 125 -17.32 4.90 2.75
CA LEU A 125 -16.71 5.33 4.01
C LEU A 125 -15.27 5.85 3.88
N MET A 126 -14.76 5.97 2.65
CA MET A 126 -13.38 6.38 2.44
C MET A 126 -13.06 7.76 3.05
N GLU A 127 -13.99 8.70 2.90
CA GLU A 127 -13.75 10.06 3.41
C GLU A 127 -13.69 10.05 4.94
N GLU A 128 -14.56 9.26 5.57
CA GLU A 128 -14.60 9.18 7.04
C GLU A 128 -13.41 8.45 7.62
N ILE A 129 -13.08 7.28 7.07
CA ILE A 129 -12.01 6.43 7.66
C ILE A 129 -10.62 6.81 7.12
N GLY A 130 -10.54 7.09 5.83
CA GLY A 130 -9.27 7.48 5.21
C GLY A 130 -8.36 6.34 4.82
N PHE A 131 -8.86 5.10 4.93
CA PHE A 131 -8.15 3.93 4.44
C PHE A 131 -9.13 2.79 4.23
N LEU A 132 -8.73 1.84 3.41
CA LEU A 132 -9.53 0.68 3.09
C LEU A 132 -8.63 -0.54 2.96
N VAL A 133 -8.93 -1.60 3.72
CA VAL A 133 -8.17 -2.84 3.60
C VAL A 133 -8.58 -3.53 2.29
N LEU A 134 -7.65 -3.66 1.36
CA LEU A 134 -7.89 -4.34 0.10
C LEU A 134 -7.84 -5.86 0.23
N GLY A 135 -7.00 -6.34 1.11
CA GLY A 135 -6.92 -7.76 1.38
C GLY A 135 -5.86 -8.07 2.42
N MET A 136 -5.87 -9.31 2.88
CA MET A 136 -4.80 -9.81 3.72
C MET A 136 -4.63 -11.31 3.56
N ARG A 137 -3.43 -11.75 3.89
CA ARG A 137 -3.07 -13.15 3.89
C ARG A 137 -2.31 -13.33 5.19
N VAL A 138 -2.86 -14.16 6.08
CA VAL A 138 -2.32 -14.36 7.43
C VAL A 138 -1.95 -15.83 7.60
N TYR A 139 -0.69 -16.10 7.94
CA TYR A 139 -0.25 -17.45 8.26
C TYR A 139 -0.69 -17.79 9.67
N HIS A 140 -1.27 -18.98 9.84
CA HIS A 140 -1.70 -19.46 11.16
C HIS A 140 -0.80 -20.60 11.55
N VAL A 141 -0.16 -20.46 12.72
CA VAL A 141 0.82 -21.42 13.21
C VAL A 141 0.13 -22.74 13.52
N HIS A 142 -0.95 -22.68 14.30
CA HIS A 142 -1.69 -23.88 14.74
C HIS A 142 -2.09 -24.85 13.62
N SER A 143 -2.46 -24.31 12.46
CA SER A 143 -2.95 -25.11 11.33
C SER A 143 -1.94 -25.25 10.17
N ASP A 144 -0.81 -24.54 10.23
CA ASP A 144 0.18 -24.50 9.14
C ASP A 144 -0.48 -24.12 7.80
N SER A 145 -1.25 -23.05 7.83
CA SER A 145 -2.02 -22.62 6.67
C SER A 145 -2.35 -21.14 6.69
N TYR A 146 -2.78 -20.65 5.54
CA TYR A 146 -3.08 -19.24 5.37
C TYR A 146 -4.59 -19.00 5.40
N GLU A 147 -5.01 -17.93 6.09
CA GLU A 147 -6.35 -17.37 5.95
C GLU A 147 -6.22 -16.15 5.02
N THR A 148 -7.06 -16.07 3.99
CA THR A 148 -7.03 -14.95 3.06
C THR A 148 -8.35 -14.20 3.14
N GLU A 149 -8.28 -12.88 3.15
CA GLU A 149 -9.45 -12.02 3.03
C GLU A 149 -9.35 -11.24 1.73
N ASN A 150 -10.48 -11.18 1.01
CA ASN A 150 -10.54 -10.51 -0.29
C ASN A 150 -11.06 -9.06 -0.13
N GLN A 151 -11.38 -8.43 -1.25
CA GLN A 151 -11.74 -7.00 -1.32
C GLN A 151 -13.03 -6.71 -0.51
N HIS A 152 -13.94 -7.67 -0.49
CA HIS A 152 -15.22 -7.51 0.22
C HIS A 152 -15.07 -7.47 1.74
N TYR A 153 -13.99 -8.05 2.26
CA TYR A 153 -13.69 -7.93 3.70
C TYR A 153 -13.53 -6.48 4.16
N GLY A 154 -12.55 -5.76 3.63
CA GLY A 154 -12.33 -4.36 4.02
C GLY A 154 -13.50 -3.44 3.69
N ARG A 155 -14.14 -3.70 2.55
CA ARG A 155 -15.31 -2.91 2.14
C ARG A 155 -16.51 -3.08 3.06
N SER A 156 -16.54 -4.16 3.85
CA SER A 156 -17.56 -4.38 4.84
C SER A 156 -17.29 -3.74 6.21
N LEU A 157 -16.11 -3.15 6.39
CA LEU A 157 -15.73 -2.59 7.69
C LEU A 157 -16.24 -1.18 7.86
N THR A 158 -16.74 -0.88 9.06
CA THR A 158 -17.27 0.43 9.44
C THR A 158 -16.42 1.06 10.56
N LYS A 159 -16.74 2.30 10.95
CA LYS A 159 -16.09 2.93 12.11
C LYS A 159 -16.16 2.04 13.36
N GLU A 160 -17.30 1.38 13.53
CA GLU A 160 -17.50 0.44 14.64
C GLU A 160 -16.63 -0.81 14.56
N THR A 161 -16.31 -1.30 13.36
CA THR A 161 -15.56 -2.55 13.22
C THR A 161 -14.15 -2.45 12.62
N ILE A 162 -13.68 -1.23 12.33
CA ILE A 162 -12.38 -1.08 11.66
C ILE A 162 -11.19 -1.57 12.53
N LYS A 163 -11.25 -1.30 13.84
CA LYS A 163 -10.17 -1.71 14.74
C LYS A 163 -10.02 -3.23 14.79
N ASP A 164 -11.13 -3.94 15.05
CA ASP A 164 -11.13 -5.40 15.02
C ASP A 164 -10.80 -5.96 13.62
N GLY A 165 -11.24 -5.27 12.58
CA GLY A 165 -10.96 -5.66 11.21
C GLY A 165 -9.48 -5.62 10.86
N VAL A 166 -8.82 -4.57 11.31
CA VAL A 166 -7.36 -4.44 11.15
C VAL A 166 -6.62 -5.44 12.07
N SER A 167 -7.07 -5.61 13.31
N SER A 167 -7.08 -5.57 13.31
CA SER A 167 -6.39 -6.49 14.26
CA SER A 167 -6.52 -6.51 14.29
C SER A 167 -6.40 -7.97 13.86
C SER A 167 -6.34 -7.92 13.76
N ARG A 168 -7.31 -8.37 12.98
CA ARG A 168 -7.29 -9.73 12.40
C ARG A 168 -5.96 -10.06 11.67
N PHE A 169 -5.40 -9.07 10.99
CA PHE A 169 -4.12 -9.25 10.29
C PHE A 169 -3.00 -9.72 11.20
N PHE A 170 -3.00 -9.23 12.44
CA PHE A 170 -1.98 -9.53 13.42
C PHE A 170 -2.28 -10.71 14.37
N HIS A 171 -3.30 -11.52 14.07
CA HIS A 171 -3.64 -12.70 14.87
C HIS A 171 -3.08 -13.94 14.20
N ASN A 172 -1.99 -14.47 14.75
CA ASN A 172 -1.48 -15.76 14.27
C ASN A 172 -2.20 -16.93 14.99
N GLY A 173 -1.51 -18.04 15.21
CA GLY A 173 -2.09 -19.11 15.99
C GLY A 173 -2.42 -18.69 17.42
N TYR A 174 -1.41 -18.18 18.14
CA TYR A 174 -1.46 -18.11 19.61
C TYR A 174 -1.67 -16.71 20.22
N CYS A 175 -1.22 -15.66 19.56
CA CYS A 175 -1.25 -14.32 20.17
C CYS A 175 -1.60 -13.23 19.17
N LEU A 176 -1.93 -12.05 19.71
CA LEU A 176 -1.96 -10.81 18.93
C LEU A 176 -0.53 -10.33 18.77
N ARG A 177 -0.07 -10.14 17.54
CA ARG A 177 1.33 -9.78 17.29
C ARG A 177 1.56 -8.28 17.50
N LYS A 178 1.53 -7.85 18.76
CA LYS A 178 1.74 -6.44 19.09
C LYS A 178 3.13 -5.92 18.68
N ASP A 179 4.13 -6.78 18.63
CA ASP A 179 5.44 -6.43 18.06
C ASP A 179 5.32 -5.96 16.61
N ALA A 180 4.53 -6.68 15.81
CA ALA A 180 4.34 -6.31 14.40
C ALA A 180 3.50 -5.04 14.31
N VAL A 181 2.53 -4.89 15.21
CA VAL A 181 1.73 -3.67 15.28
C VAL A 181 2.61 -2.44 15.58
N ALA A 182 3.43 -2.52 16.62
CA ALA A 182 4.29 -1.40 16.99
C ALA A 182 5.31 -1.05 15.88
N ALA A 183 5.92 -2.07 15.29
CA ALA A 183 6.84 -1.86 14.18
C ALA A 183 6.15 -1.18 12.98
N SER A 184 4.92 -1.61 12.67
CA SER A 184 4.13 -1.01 11.59
C SER A 184 3.88 0.47 11.83
N ILE A 185 3.50 0.81 13.06
CA ILE A 185 3.32 2.21 13.43
C ILE A 185 4.63 3.00 13.20
N GLN A 186 5.76 2.43 13.63
CA GLN A 186 7.06 3.09 13.49
C GLN A 186 7.49 3.30 12.03
N LYS A 187 7.21 2.31 11.19
CA LYS A 187 7.48 2.41 9.74
C LYS A 187 6.53 3.40 9.04
N ILE A 188 5.24 3.38 9.40
CA ILE A 188 4.27 4.34 8.85
C ILE A 188 4.63 5.76 9.21
N GLU A 189 5.09 5.97 10.44
CA GLU A 189 5.48 7.30 10.89
C GLU A 189 6.57 7.93 10.00
N LYS A 190 7.52 7.12 9.53
CA LYS A 190 8.54 7.61 8.59
C LYS A 190 7.91 8.05 7.25
N ILE A 191 6.94 7.28 6.76
CA ILE A 191 6.20 7.64 5.54
C ILE A 191 5.41 8.92 5.76
N LEU A 192 4.75 9.03 6.91
CA LEU A 192 4.02 10.24 7.29
C LEU A 192 4.93 11.45 7.27
N GLN A 193 6.10 11.30 7.86
CA GLN A 193 7.12 12.36 7.86
C GLN A 193 7.54 12.78 6.44
N TRP A 194 7.66 11.82 5.52
CA TRP A 194 7.93 12.17 4.13
C TRP A 194 6.80 13.03 3.55
N PHE A 195 5.55 12.64 3.78
CA PHE A 195 4.37 13.40 3.35
C PHE A 195 4.24 14.78 4.02
N GLU A 196 4.60 14.86 5.30
CA GLU A 196 4.65 16.15 6.03
C GLU A 196 5.66 17.15 5.45
N ASN A 197 6.60 16.66 4.64
CA ASN A 197 7.70 17.46 4.11
C ASN A 197 7.80 17.47 2.58
N GLN A 198 6.66 17.26 1.90
CA GLN A 198 6.60 17.45 0.46
C GLN A 198 5.27 18.04 0.05
N LYS A 199 5.32 18.90 -0.98
CA LYS A 199 4.12 19.54 -1.54
C LYS A 199 4.26 19.55 -3.07
N GLN A 200 4.62 18.40 -3.61
CA GLN A 200 4.79 18.23 -5.06
C GLN A 200 4.07 17.04 -5.67
N LEU A 201 3.59 16.09 -4.86
CA LEU A 201 2.85 14.93 -5.34
C LEU A 201 1.64 14.68 -4.46
N ASN A 202 0.50 14.40 -5.10
CA ASN A 202 -0.71 13.94 -4.40
C ASN A 202 -1.06 12.55 -4.94
N PHE A 203 -1.42 11.63 -4.04
CA PHE A 203 -1.55 10.20 -4.33
C PHE A 203 -2.99 9.77 -4.09
N TYR A 204 -3.65 9.26 -5.12
CA TYR A 204 -5.04 8.79 -5.03
C TYR A 204 -5.08 7.33 -5.37
N ALA A 205 -5.86 6.58 -4.61
CA ALA A 205 -5.95 5.11 -4.77
C ALA A 205 -4.62 4.36 -4.70
N SER A 206 -3.63 4.91 -4.00
N SER A 206 -3.66 4.91 -3.97
CA SER A 206 -2.38 4.20 -3.74
CA SER A 206 -2.38 4.27 -3.70
C SER A 206 -2.49 3.51 -2.40
C SER A 206 -2.55 3.45 -2.42
N SER A 207 -1.61 2.54 -2.20
CA SER A 207 -1.68 1.60 -1.08
C SER A 207 -0.41 1.48 -0.28
N LEU A 208 -0.55 0.91 0.92
CA LEU A 208 0.57 0.46 1.73
C LEU A 208 0.49 -1.06 1.82
N LEU A 209 1.62 -1.71 1.58
CA LEU A 209 1.75 -3.14 1.70
C LEU A 209 2.50 -3.40 3.00
N PHE A 210 1.87 -4.13 3.91
CA PHE A 210 2.44 -4.51 5.19
C PHE A 210 2.83 -5.95 5.13
N VAL A 211 4.03 -6.27 5.60
CA VAL A 211 4.49 -7.64 5.64
C VAL A 211 5.13 -7.86 7.01
N TYR A 212 4.82 -8.99 7.64
CA TYR A 212 5.57 -9.44 8.82
C TYR A 212 5.78 -10.92 8.72
N GLU A 213 6.68 -11.42 9.55
CA GLU A 213 7.01 -12.83 9.59
C GLU A 213 6.04 -13.62 10.45
N GLY A 214 5.39 -14.60 9.83
CA GLY A 214 4.39 -15.44 10.47
C GLY A 214 4.91 -16.76 11.03
N SER A 215 6.12 -17.19 10.64
CA SER A 215 6.64 -18.50 11.08
C SER A 215 7.05 -18.47 12.55
N GLY A 221 10.71 -11.38 15.59
CA GLY A 221 10.00 -10.41 16.42
C GLY A 221 10.33 -8.99 15.98
N GLY A 222 9.30 -8.19 15.78
CA GLY A 222 9.47 -6.76 15.46
C GLY A 222 9.88 -6.46 14.02
N GLU A 223 9.93 -7.48 13.15
CA GLU A 223 10.43 -7.34 11.78
C GLU A 223 9.26 -7.15 10.80
N VAL A 224 9.17 -5.94 10.23
CA VAL A 224 8.05 -5.56 9.36
C VAL A 224 8.58 -4.86 8.12
N GLU A 225 7.88 -5.02 7.01
CA GLU A 225 8.08 -4.18 5.83
C GLU A 225 6.80 -3.41 5.62
N VAL A 226 6.93 -2.12 5.36
CA VAL A 226 5.80 -1.29 4.92
C VAL A 226 6.27 -0.52 3.69
N ARG A 227 5.68 -0.81 2.53
CA ARG A 227 6.04 -0.11 1.33
C ARG A 227 4.82 0.46 0.62
N MET A 228 5.02 1.63 -0.01
CA MET A 228 3.99 2.27 -0.81
C MET A 228 3.96 1.61 -2.17
N ILE A 229 2.77 1.34 -2.69
CA ILE A 229 2.54 0.76 -4.01
C ILE A 229 1.32 1.41 -4.67
N ASP A 230 1.12 1.09 -5.96
CA ASP A 230 -0.08 1.42 -6.76
C ASP A 230 -0.13 2.91 -7.12
N PHE A 231 0.53 3.27 -8.21
CA PHE A 231 0.76 4.67 -8.55
C PHE A 231 0.17 5.12 -9.89
N ALA A 232 -0.97 4.53 -10.26
CA ALA A 232 -1.73 4.96 -11.45
C ALA A 232 -2.46 6.30 -11.31
N HIS A 233 -2.56 6.82 -10.09
CA HIS A 233 -3.22 8.11 -9.85
C HIS A 233 -2.41 9.05 -8.94
N VAL A 234 -1.16 9.25 -9.31
CA VAL A 234 -0.31 10.21 -8.63
C VAL A 234 -0.19 11.42 -9.52
N PHE A 235 -0.49 12.59 -8.97
CA PHE A 235 -0.52 13.82 -9.73
C PHE A 235 0.39 14.88 -9.15
N PRO A 236 0.95 15.75 -10.02
CA PRO A 236 1.73 16.87 -9.50
C PRO A 236 0.81 17.81 -8.72
N SER A 237 1.36 18.45 -7.70
CA SER A 237 0.56 19.25 -6.80
C SER A 237 1.38 20.42 -6.28
N ASN A 238 0.71 21.37 -5.64
CA ASN A 238 1.37 22.45 -4.89
C ASN A 238 0.91 22.52 -3.43
N THR A 239 0.21 21.48 -2.96
CA THR A 239 -0.26 21.40 -1.57
C THR A 239 0.19 20.10 -0.94
N ILE A 240 0.09 20.08 0.38
CA ILE A 240 0.21 18.88 1.20
C ILE A 240 -0.87 17.91 0.75
N ASP A 241 -0.54 16.63 0.66
CA ASP A 241 -1.53 15.62 0.33
C ASP A 241 -2.33 15.34 1.60
N GLU A 242 -3.39 16.11 1.80
CA GLU A 242 -4.10 16.13 3.07
C GLU A 242 -4.91 14.87 3.33
N GLY A 243 -5.48 14.30 2.28
CA GLY A 243 -6.25 13.07 2.40
C GLY A 243 -5.37 11.90 2.74
N TYR A 244 -4.16 11.87 2.19
CA TYR A 244 -3.20 10.80 2.48
C TYR A 244 -2.74 10.93 3.93
N VAL A 245 -2.40 12.14 4.33
CA VAL A 245 -2.00 12.42 5.71
C VAL A 245 -3.11 12.01 6.69
N TYR A 246 -4.37 12.40 6.43
CA TYR A 246 -5.52 11.98 7.25
C TYR A 246 -5.58 10.46 7.42
N GLY A 247 -5.48 9.74 6.31
CA GLY A 247 -5.51 8.29 6.33
C GLY A 247 -4.39 7.63 7.10
N LEU A 248 -3.16 8.11 6.90
CA LEU A 248 -2.02 7.57 7.62
C LEU A 248 -2.17 7.76 9.11
N LYS A 249 -2.55 8.97 9.49
CA LYS A 249 -2.81 9.29 10.90
C LYS A 249 -3.90 8.47 11.51
N HIS A 250 -5.01 8.28 10.79
CA HIS A 250 -6.09 7.45 11.32
C HIS A 250 -5.63 5.97 11.43
N LEU A 251 -4.87 5.51 10.44
CA LEU A 251 -4.34 4.15 10.49
C LEU A 251 -3.38 3.98 11.68
N ILE A 252 -2.52 4.96 11.90
CA ILE A 252 -1.63 4.98 13.10
C ILE A 252 -2.47 4.91 14.39
N SER A 253 -3.53 5.71 14.47
N SER A 253 -3.54 5.71 14.46
CA SER A 253 -4.42 5.74 15.65
CA SER A 253 -4.40 5.74 15.65
C SER A 253 -5.11 4.41 15.94
C SER A 253 -5.11 4.41 15.94
N VAL A 254 -5.55 3.75 14.87
CA VAL A 254 -6.19 2.42 14.97
C VAL A 254 -5.14 1.40 15.46
N LEU A 255 -3.98 1.38 14.81
CA LEU A 255 -2.90 0.48 15.23
C LEU A 255 -2.49 0.72 16.69
N ARG A 256 -2.38 1.99 17.07
CA ARG A 256 -2.05 2.35 18.45
C ARG A 256 -3.08 1.82 19.46
N SER A 257 -4.35 1.97 19.15
CA SER A 257 -5.42 1.44 20.01
C SER A 257 -5.32 -0.09 20.13
N ILE A 258 -4.89 -0.76 19.06
CA ILE A 258 -4.71 -2.23 19.08
C ILE A 258 -3.62 -2.66 20.08
N LEU A 259 -2.64 -1.78 20.33
CA LEU A 259 -1.61 -2.04 21.33
C LEU A 259 -2.15 -2.10 22.77
N ASP A 260 -3.35 -1.55 22.98
CA ASP A 260 -4.04 -1.65 24.28
C ASP A 260 -4.88 -2.90 24.50
N ASN A 261 -4.97 -3.78 23.50
CA ASN A 261 -5.82 -4.98 23.57
C ASN A 261 -5.46 -5.94 24.70
#